data_5JQW
#
_entry.id   5JQW
#
_cell.length_a   85.230
_cell.length_b   85.230
_cell.length_c   103.992
_cell.angle_alpha   90.00
_cell.angle_beta   90.00
_cell.angle_gamma   90.00
#
_symmetry.space_group_name_H-M   'P 43 21 2'
#
loop_
_entity.id
_entity.type
_entity.pdbx_description
1 polymer 'N5-carboxyaminoimidazole ribonucleotide synthase'
2 non-polymer "ADENOSINE-5'-DIPHOSPHATE"
3 non-polymer 'ACETATE ION'
4 water water
#
_entity_poly.entity_id   1
_entity_poly.type   'polypeptide(L)'
_entity_poly.pdbx_seq_one_letter_code
;SNA(MSE)KIGIIGAGQLAR(MSE)LSLAGTPLGLEFHCLGKNGDCAEEVVKTVTDIELTKVNDVVAWAKQFDVITFENE
NISHELIKAINHEVSVYPSAKAIAISQDRLLEKSF(MSE)QDHGIATAKFVNIDSLAKLQSAVDDHGLPAILKTRRFGYD
GKGQFVIRSQEDITKAWDVLKDAPDGLIYEAFVDFDYEVSQICTADLKGNIAFYPLARNTHKQGIIVESEAPFENVVLAE
KAQQIAKILVKEFAYVGTLAIEFFVKGDELIVNEIAPRVHNSGHWSIDGAVTSQFENHVRAIAGLILGDTTSRKTV
(MSE)LNCIGG(MSE)PATKDLAALDRVKIHSYNKEPRKGRKVGHLNLNLNDETDEYQLLQVKKLIALSEEI
;
_entity_poly.pdbx_strand_id   A
#
# COMPACT_ATOMS: atom_id res chain seq x y z
N LYS A 5 -13.50 20.82 -0.44
CA LYS A 5 -12.73 20.40 -1.60
C LYS A 5 -11.47 19.69 -1.15
N ILE A 6 -11.21 18.51 -1.72
CA ILE A 6 -10.09 17.67 -1.35
C ILE A 6 -9.14 17.58 -2.55
N GLY A 7 -7.87 17.89 -2.32
CA GLY A 7 -6.85 17.76 -3.34
C GLY A 7 -6.01 16.50 -3.09
N ILE A 8 -5.76 15.75 -4.17
CA ILE A 8 -5.01 14.51 -4.11
C ILE A 8 -3.80 14.64 -5.02
N ILE A 9 -2.62 14.39 -4.48
CA ILE A 9 -1.40 14.33 -5.28
C ILE A 9 -1.35 12.95 -5.92
N GLY A 10 -1.50 12.90 -7.23
CA GLY A 10 -1.57 11.64 -7.95
C GLY A 10 -2.98 11.40 -8.47
N ALA A 11 -3.06 10.80 -9.66
CA ALA A 11 -4.35 10.55 -10.30
C ALA A 11 -4.49 9.09 -10.73
N GLY A 12 -3.90 8.18 -9.96
CA GLY A 12 -3.95 6.76 -10.25
C GLY A 12 -5.22 6.11 -9.76
N GLN A 13 -5.18 4.77 -9.67
CA GLN A 13 -6.38 4.03 -9.28
C GLN A 13 -6.74 4.24 -7.82
N LEU A 14 -5.75 4.54 -6.97
CA LEU A 14 -6.05 4.80 -5.57
C LEU A 14 -6.81 6.11 -5.40
N ALA A 15 -6.40 7.14 -6.14
CA ALA A 15 -7.16 8.39 -6.12
C ALA A 15 -8.52 8.22 -6.76
N ARG A 16 -8.59 7.38 -7.81
CA ARG A 16 -9.86 7.10 -8.46
C ARG A 16 -10.88 6.53 -7.49
N LEU A 18 -10.68 6.62 -4.18
CA LEU A 18 -10.93 7.59 -3.12
C LEU A 18 -12.08 8.53 -3.50
N SER A 19 -12.08 9.00 -4.75
CA SER A 19 -13.14 9.89 -5.20
C SER A 19 -14.46 9.15 -5.34
N LEU A 20 -14.42 7.89 -5.82
CA LEU A 20 -15.64 7.10 -5.92
C LEU A 20 -16.28 6.89 -4.55
N ALA A 21 -15.46 6.74 -3.51
CA ALA A 21 -16.00 6.52 -2.17
C ALA A 21 -16.40 7.81 -1.47
N GLY A 22 -15.72 8.91 -1.78
CA GLY A 22 -15.97 10.16 -1.07
C GLY A 22 -16.99 11.07 -1.73
N THR A 23 -17.19 10.91 -3.04
CA THR A 23 -18.16 11.75 -3.74
C THR A 23 -19.58 11.62 -3.21
N PRO A 24 -20.09 10.43 -2.88
CA PRO A 24 -21.42 10.37 -2.25
C PRO A 24 -21.51 11.07 -0.91
N LEU A 25 -20.38 11.36 -0.27
CA LEU A 25 -20.37 12.14 0.96
C LEU A 25 -20.54 13.64 0.71
N GLY A 26 -20.67 14.06 -0.55
CA GLY A 26 -20.81 15.46 -0.89
C GLY A 26 -19.52 16.20 -1.09
N LEU A 27 -18.39 15.52 -1.13
CA LEU A 27 -17.09 16.16 -1.23
C LEU A 27 -16.64 16.26 -2.69
N GLU A 28 -15.82 17.27 -2.96
CA GLU A 28 -15.33 17.58 -4.30
C GLU A 28 -13.84 17.27 -4.37
N PHE A 29 -13.44 16.57 -5.42
CA PHE A 29 -12.09 16.03 -5.53
C PHE A 29 -11.35 16.64 -6.71
N HIS A 30 -10.08 16.97 -6.49
CA HIS A 30 -9.19 17.47 -7.52
C HIS A 30 -7.85 16.76 -7.42
N CYS A 31 -7.27 16.43 -8.56
CA CYS A 31 -6.03 15.65 -8.61
C CYS A 31 -4.92 16.45 -9.26
N LEU A 32 -3.69 16.17 -8.81
CA LEU A 32 -2.48 16.61 -9.49
C LEU A 32 -1.94 15.41 -10.24
N GLY A 33 -1.93 15.49 -11.56
CA GLY A 33 -1.47 14.37 -12.38
C GLY A 33 -1.65 14.70 -13.84
N LYS A 34 -1.29 13.72 -14.67
CA LYS A 34 -1.36 13.87 -16.11
C LYS A 34 -2.76 13.56 -16.62
N ASN A 35 -3.17 14.30 -17.65
CA ASN A 35 -4.44 14.02 -18.31
C ASN A 35 -4.40 12.64 -18.96
N GLY A 36 -5.47 11.89 -18.80
CA GLY A 36 -5.52 10.51 -19.23
C GLY A 36 -5.33 9.50 -18.12
N ASP A 37 -4.89 9.93 -16.94
CA ASP A 37 -4.84 9.04 -15.80
C ASP A 37 -6.25 8.62 -15.40
N CYS A 38 -6.35 7.43 -14.80
CA CYS A 38 -7.64 6.77 -14.64
C CYS A 38 -8.54 7.45 -13.62
N ALA A 39 -8.04 8.38 -12.83
CA ALA A 39 -8.90 9.10 -11.90
C ALA A 39 -9.59 10.30 -12.52
N GLU A 40 -9.23 10.67 -13.76
CA GLU A 40 -9.70 11.92 -14.34
C GLU A 40 -11.22 11.94 -14.49
N GLU A 41 -11.80 10.81 -14.93
CA GLU A 41 -13.23 10.81 -15.25
C GLU A 41 -14.12 10.79 -14.02
N VAL A 42 -13.56 10.68 -12.81
CA VAL A 42 -14.35 10.63 -11.59
C VAL A 42 -14.00 11.77 -10.64
N VAL A 43 -13.15 12.71 -11.06
CA VAL A 43 -12.79 13.85 -10.24
C VAL A 43 -13.16 15.13 -10.98
N LYS A 44 -13.21 16.23 -10.23
CA LYS A 44 -13.62 17.51 -10.80
C LYS A 44 -12.58 18.01 -11.81
N THR A 45 -11.32 18.13 -11.40
CA THR A 45 -10.25 18.59 -12.27
C THR A 45 -9.00 17.76 -12.05
N VAL A 46 -8.14 17.76 -13.07
CA VAL A 46 -6.80 17.18 -12.99
C VAL A 46 -5.83 18.21 -13.53
N THR A 47 -4.76 18.48 -12.78
CA THR A 47 -3.78 19.50 -13.13
C THR A 47 -2.40 18.87 -13.19
N ASP A 48 -1.72 19.03 -14.32
CA ASP A 48 -0.40 18.44 -14.54
C ASP A 48 0.65 19.47 -14.13
N ILE A 49 1.26 19.26 -12.97
CA ILE A 49 2.33 20.11 -12.46
C ILE A 49 3.49 19.23 -12.05
N GLU A 50 4.68 19.53 -12.56
CA GLU A 50 5.87 18.80 -12.14
C GLU A 50 6.12 19.02 -10.66
N LEU A 51 6.25 17.92 -9.91
CA LEU A 51 6.39 18.00 -8.47
C LEU A 51 7.67 18.70 -8.02
N THR A 52 8.63 18.91 -8.92
CA THR A 52 9.82 19.65 -8.57
C THR A 52 9.56 21.15 -8.47
N LYS A 53 8.50 21.64 -9.10
CA LYS A 53 8.12 23.06 -9.02
C LYS A 53 7.30 23.24 -7.74
N VAL A 54 8.02 23.40 -6.63
CA VAL A 54 7.39 23.39 -5.31
C VAL A 54 6.41 24.56 -5.17
N ASN A 55 6.79 25.75 -5.65
CA ASN A 55 5.93 26.91 -5.50
C ASN A 55 4.62 26.74 -6.27
N ASP A 56 4.68 26.11 -7.45
CA ASP A 56 3.47 25.91 -8.24
C ASP A 56 2.57 24.84 -7.63
N VAL A 57 3.17 23.83 -6.99
CA VAL A 57 2.36 22.80 -6.33
C VAL A 57 1.65 23.38 -5.11
N VAL A 58 2.35 24.20 -4.33
CA VAL A 58 1.74 24.83 -3.17
C VAL A 58 0.58 25.74 -3.59
N ALA A 59 0.79 26.53 -4.64
CA ALA A 59 -0.26 27.41 -5.14
C ALA A 59 -1.47 26.60 -5.60
N TRP A 60 -1.22 25.43 -6.20
CA TRP A 60 -2.32 24.56 -6.59
C TRP A 60 -3.06 24.02 -5.36
N ALA A 61 -2.30 23.61 -4.34
CA ALA A 61 -2.92 23.01 -3.16
C ALA A 61 -3.75 24.02 -2.38
N LYS A 62 -3.38 25.29 -2.41
CA LYS A 62 -4.08 26.31 -1.64
C LYS A 62 -5.48 26.60 -2.16
N GLN A 63 -5.88 26.01 -3.29
CA GLN A 63 -7.24 26.15 -3.78
C GLN A 63 -8.24 25.29 -3.01
N PHE A 64 -7.76 24.34 -2.22
CA PHE A 64 -8.62 23.32 -1.62
C PHE A 64 -8.50 23.38 -0.10
N ASP A 65 -9.34 22.58 0.57
CA ASP A 65 -9.45 22.62 2.01
C ASP A 65 -8.53 21.62 2.72
N VAL A 66 -8.18 20.53 2.06
CA VAL A 66 -7.27 19.54 2.66
C VAL A 66 -6.60 18.79 1.51
N ILE A 67 -5.37 18.35 1.76
CA ILE A 67 -4.55 17.68 0.75
C ILE A 67 -4.19 16.29 1.25
N THR A 68 -4.19 15.32 0.34
CA THR A 68 -3.70 13.98 0.61
C THR A 68 -2.95 13.48 -0.62
N PHE A 69 -2.43 12.26 -0.54
CA PHE A 69 -1.57 11.73 -1.59
C PHE A 69 -1.78 10.23 -1.70
N GLU A 70 -1.50 9.69 -2.88
CA GLU A 70 -1.63 8.27 -3.14
C GLU A 70 -0.30 7.53 -3.25
N ASN A 71 0.82 8.24 -3.32
CA ASN A 71 2.14 7.64 -3.46
C ASN A 71 3.08 8.28 -2.45
N GLU A 72 3.61 7.48 -1.53
CA GLU A 72 4.46 7.99 -0.46
C GLU A 72 5.89 8.26 -0.90
N ASN A 73 6.25 7.95 -2.15
CA ASN A 73 7.60 8.18 -2.64
C ASN A 73 7.85 9.62 -3.04
N ILE A 74 6.89 10.52 -2.83
CA ILE A 74 7.08 11.93 -3.15
C ILE A 74 7.91 12.59 -2.06
N SER A 75 8.44 13.77 -2.39
CA SER A 75 9.31 14.49 -1.46
C SER A 75 8.55 14.90 -0.21
N HIS A 76 9.09 14.53 0.96
CA HIS A 76 8.48 14.95 2.21
C HIS A 76 8.74 16.43 2.49
N GLU A 77 9.77 17.02 1.89
CA GLU A 77 9.96 18.46 1.97
C GLU A 77 8.88 19.20 1.19
N LEU A 78 8.44 18.64 0.07
CA LEU A 78 7.30 19.20 -0.65
C LEU A 78 6.05 19.18 0.22
N ILE A 79 5.80 18.05 0.87
CA ILE A 79 4.64 17.94 1.76
C ILE A 79 4.79 18.89 2.95
N LYS A 80 6.02 19.07 3.43
CA LYS A 80 6.26 20.02 4.51
C LYS A 80 5.95 21.44 4.07
N ALA A 81 6.25 21.77 2.82
CA ALA A 81 5.96 23.11 2.31
C ALA A 81 4.46 23.31 2.10
N ILE A 82 3.76 22.28 1.61
CA ILE A 82 2.33 22.38 1.40
C ILE A 82 1.60 22.49 2.74
N ASN A 83 1.99 21.63 3.70
CA ASN A 83 1.31 21.62 4.99
C ASN A 83 1.47 22.92 5.76
N HIS A 84 2.44 23.75 5.39
CA HIS A 84 2.61 25.04 6.05
C HIS A 84 1.45 25.98 5.74
N GLU A 85 0.76 25.78 4.62
CA GLU A 85 -0.31 26.68 4.21
C GLU A 85 -1.67 26.00 4.08
N VAL A 86 -1.72 24.69 3.88
CA VAL A 86 -2.98 23.96 3.84
C VAL A 86 -2.71 22.55 4.38
N SER A 87 -3.62 22.08 5.24
CA SER A 87 -3.40 20.83 5.96
C SER A 87 -3.24 19.65 5.01
N VAL A 88 -2.25 18.81 5.30
CA VAL A 88 -1.98 17.59 4.55
C VAL A 88 -2.04 16.42 5.51
N TYR A 89 -2.76 15.37 5.11
CA TYR A 89 -2.81 14.15 5.89
C TYR A 89 -2.58 12.95 4.97
N PRO A 90 -1.77 11.97 5.41
CA PRO A 90 -1.05 11.96 6.69
C PRO A 90 0.17 12.89 6.73
N SER A 91 0.92 12.81 7.82
CA SER A 91 1.96 13.78 8.12
C SER A 91 3.21 13.55 7.28
N ALA A 92 4.08 14.56 7.27
CA ALA A 92 5.35 14.46 6.57
C ALA A 92 6.28 13.47 7.27
N LYS A 93 6.15 13.32 8.59
CA LYS A 93 6.98 12.35 9.30
C LYS A 93 6.62 10.93 8.88
N ALA A 94 5.34 10.65 8.67
CA ALA A 94 4.93 9.34 8.19
C ALA A 94 5.51 9.07 6.80
N ILE A 95 5.56 10.10 5.95
CA ILE A 95 6.11 9.94 4.62
C ILE A 95 7.60 9.63 4.67
N ALA A 96 8.36 10.46 5.42
CA ALA A 96 9.81 10.32 5.44
C ALA A 96 10.23 8.96 5.96
N ILE A 97 9.52 8.42 6.95
CA ILE A 97 9.90 7.13 7.52
C ILE A 97 9.43 5.99 6.64
N SER A 98 8.24 6.10 6.05
CA SER A 98 7.71 5.01 5.24
C SER A 98 8.41 4.89 3.90
N GLN A 99 8.84 6.00 3.31
CA GLN A 99 9.40 5.99 1.96
C GLN A 99 10.83 5.46 1.92
N ASP A 100 11.48 5.29 3.07
CA ASP A 100 12.86 4.83 3.14
C ASP A 100 12.89 3.54 3.97
N ARG A 101 13.36 2.45 3.35
CA ARG A 101 13.38 1.17 4.04
C ARG A 101 14.29 1.19 5.26
N LEU A 102 15.41 1.91 5.18
CA LEU A 102 16.32 1.99 6.32
C LEU A 102 15.67 2.72 7.48
N LEU A 103 15.13 3.92 7.22
CA LEU A 103 14.44 4.66 8.28
C LEU A 103 13.22 3.91 8.78
N GLU A 104 12.56 3.15 7.90
CA GLU A 104 11.38 2.38 8.30
C GLU A 104 11.74 1.31 9.31
N LYS A 105 12.76 0.49 8.99
CA LYS A 105 13.15 -0.58 9.90
C LYS A 105 13.87 -0.04 11.13
N SER A 106 14.59 1.08 10.99
CA SER A 106 15.20 1.70 12.16
C SER A 106 14.15 2.20 13.13
N PHE A 107 13.02 2.70 12.61
CA PHE A 107 11.93 3.14 13.47
C PHE A 107 11.35 1.98 14.26
N GLN A 109 12.75 -0.84 15.03
CA GLN A 109 13.73 -1.31 15.99
C GLN A 109 13.78 -0.40 17.21
N ASP A 110 13.61 0.91 16.99
CA ASP A 110 13.64 1.86 18.10
C ASP A 110 12.43 1.73 19.02
N HIS A 111 11.38 1.06 18.57
CA HIS A 111 10.16 0.88 19.36
C HIS A 111 9.92 -0.58 19.73
N GLY A 112 10.96 -1.41 19.68
CA GLY A 112 10.81 -2.81 20.03
C GLY A 112 9.87 -3.58 19.13
N ILE A 113 9.80 -3.22 17.85
CA ILE A 113 8.92 -3.87 16.89
C ILE A 113 9.79 -4.73 15.98
N ALA A 114 9.47 -6.02 15.91
CA ALA A 114 10.33 -6.97 15.21
C ALA A 114 10.22 -6.80 13.71
N THR A 115 11.38 -6.80 13.04
CA THR A 115 11.47 -6.82 11.59
C THR A 115 12.55 -7.82 11.18
N ALA A 116 12.82 -7.89 9.88
CA ALA A 116 13.93 -8.67 9.41
C ALA A 116 15.25 -8.02 9.79
N LYS A 117 16.29 -8.83 9.95
CA LYS A 117 17.62 -8.29 10.20
C LYS A 117 18.05 -7.43 9.03
N PHE A 118 18.46 -6.19 9.32
CA PHE A 118 18.76 -5.22 8.29
C PHE A 118 20.05 -4.49 8.61
N VAL A 119 20.80 -4.15 7.56
CA VAL A 119 22.04 -3.38 7.69
C VAL A 119 22.10 -2.40 6.52
N ASN A 120 22.41 -1.13 6.84
CA ASN A 120 22.65 -0.16 5.79
C ASN A 120 23.87 -0.53 4.98
N ILE A 121 23.76 -0.44 3.65
CA ILE A 121 24.82 -0.86 2.74
C ILE A 121 25.32 0.37 1.98
N ASP A 122 26.59 0.70 2.18
CA ASP A 122 27.21 1.83 1.50
C ASP A 122 28.54 1.46 0.85
N SER A 123 28.92 0.19 0.88
CA SER A 123 30.14 -0.28 0.23
C SER A 123 30.01 -1.78 0.00
N LEU A 124 30.91 -2.30 -0.83
CA LEU A 124 30.93 -3.75 -1.06
C LEU A 124 31.38 -4.50 0.19
N ALA A 125 32.32 -3.93 0.94
CA ALA A 125 32.77 -4.55 2.18
C ALA A 125 31.66 -4.57 3.22
N LYS A 126 30.84 -3.51 3.26
CA LYS A 126 29.72 -3.48 4.20
C LYS A 126 28.71 -4.57 3.88
N LEU A 127 28.52 -4.88 2.59
CA LEU A 127 27.62 -5.95 2.20
C LEU A 127 28.17 -7.32 2.59
N GLN A 128 29.48 -7.52 2.41
CA GLN A 128 30.09 -8.79 2.79
C GLN A 128 30.00 -9.02 4.29
N SER A 129 30.19 -7.97 5.08
CA SER A 129 30.11 -8.10 6.53
C SER A 129 28.68 -8.43 6.97
N ALA A 130 27.68 -7.86 6.29
CA ALA A 130 26.30 -8.18 6.61
C ALA A 130 25.97 -9.63 6.29
N VAL A 131 26.51 -10.14 5.18
CA VAL A 131 26.30 -11.55 4.84
C VAL A 131 27.01 -12.45 5.83
N ASP A 132 28.21 -12.06 6.28
CA ASP A 132 28.92 -12.86 7.27
C ASP A 132 28.14 -12.93 8.57
N ASP A 133 27.53 -11.82 8.99
CA ASP A 133 26.87 -11.78 10.29
C ASP A 133 25.51 -12.46 10.26
N HIS A 134 24.70 -12.17 9.24
CA HIS A 134 23.30 -12.58 9.22
C HIS A 134 22.99 -13.61 8.14
N GLY A 135 24.01 -14.17 7.49
CA GLY A 135 23.83 -15.35 6.66
C GLY A 135 23.06 -15.14 5.37
N LEU A 136 22.75 -16.26 4.74
CA LEU A 136 22.08 -16.34 3.45
C LEU A 136 20.92 -17.31 3.54
N PRO A 137 19.90 -17.17 2.66
CA PRO A 137 19.76 -16.17 1.60
C PRO A 137 19.43 -14.78 2.13
N ALA A 138 19.56 -13.78 1.26
CA ALA A 138 19.32 -12.39 1.64
C ALA A 138 18.98 -11.60 0.39
N ILE A 139 18.55 -10.36 0.60
CA ILE A 139 18.12 -9.48 -0.48
C ILE A 139 18.75 -8.11 -0.30
N LEU A 140 19.34 -7.58 -1.37
CA LEU A 140 19.84 -6.21 -1.40
C LEU A 140 18.79 -5.34 -2.10
N LYS A 141 18.27 -4.35 -1.37
CA LYS A 141 17.20 -3.51 -1.87
C LYS A 141 17.64 -2.04 -1.92
N THR A 142 17.01 -1.28 -2.80
CA THR A 142 17.13 0.16 -2.75
C THR A 142 16.35 0.69 -1.56
N ARG A 143 16.86 1.76 -0.94
CA ARG A 143 16.18 2.35 0.20
C ARG A 143 14.93 3.11 -0.22
N ARG A 144 14.99 3.82 -1.35
CA ARG A 144 13.88 4.60 -1.85
C ARG A 144 13.46 4.09 -3.22
N PHE A 145 12.19 4.30 -3.54
CA PHE A 145 11.60 3.92 -4.83
C PHE A 145 11.68 2.42 -5.08
N GLY A 146 11.24 1.97 -6.25
CA GLY A 146 11.16 0.55 -6.54
C GLY A 146 9.98 -0.09 -5.84
N TYR A 147 9.10 -0.73 -6.61
CA TYR A 147 7.89 -1.32 -6.07
C TYR A 147 7.63 -2.66 -6.76
N ASP A 148 6.82 -3.49 -6.10
CA ASP A 148 6.47 -4.82 -6.60
C ASP A 148 7.69 -5.70 -6.80
N GLY A 149 8.74 -5.47 -6.01
CA GLY A 149 9.96 -6.23 -6.10
C GLY A 149 11.01 -5.66 -7.03
N LYS A 150 10.69 -4.62 -7.79
CA LYS A 150 11.65 -4.04 -8.72
C LYS A 150 12.75 -3.33 -7.96
N GLY A 151 13.94 -3.30 -8.56
CA GLY A 151 15.09 -2.66 -7.94
C GLY A 151 15.68 -3.42 -6.78
N GLN A 152 15.68 -4.75 -6.85
CA GLN A 152 16.25 -5.59 -5.81
C GLN A 152 17.06 -6.71 -6.45
N PHE A 153 17.93 -7.32 -5.65
CA PHE A 153 18.74 -8.45 -6.10
C PHE A 153 18.83 -9.45 -4.96
N VAL A 154 18.31 -10.65 -5.18
CA VAL A 154 18.32 -11.69 -4.16
C VAL A 154 19.69 -12.37 -4.17
N ILE A 155 20.28 -12.52 -2.98
CA ILE A 155 21.60 -13.11 -2.83
C ILE A 155 21.41 -14.54 -2.33
N ARG A 156 21.58 -15.51 -3.22
CA ARG A 156 21.43 -16.92 -2.87
C ARG A 156 22.74 -17.56 -2.46
N SER A 157 23.86 -17.15 -3.05
CA SER A 157 25.17 -17.73 -2.76
C SER A 157 26.19 -16.61 -2.59
N GLN A 158 27.43 -17.01 -2.30
CA GLN A 158 28.53 -16.05 -2.18
C GLN A 158 28.85 -15.38 -3.50
N GLU A 159 28.54 -16.02 -4.62
CA GLU A 159 28.82 -15.44 -5.93
C GLU A 159 27.87 -14.30 -6.29
N ASP A 160 26.70 -14.24 -5.65
CA ASP A 160 25.73 -13.19 -5.94
C ASP A 160 26.04 -11.88 -5.21
N ILE A 161 26.99 -11.88 -4.29
CA ILE A 161 27.29 -10.67 -3.53
C ILE A 161 27.85 -9.59 -4.44
N THR A 162 28.91 -9.90 -5.19
CA THR A 162 29.51 -8.93 -6.08
C THR A 162 28.58 -8.60 -7.25
N LYS A 163 27.72 -9.53 -7.64
CA LYS A 163 26.77 -9.26 -8.73
C LYS A 163 25.68 -8.30 -8.29
N ALA A 164 25.16 -8.49 -7.07
CA ALA A 164 24.14 -7.57 -6.56
C ALA A 164 24.71 -6.17 -6.36
N TRP A 165 25.93 -6.08 -5.86
CA TRP A 165 26.55 -4.77 -5.64
C TRP A 165 26.75 -4.03 -6.95
N ASP A 166 27.20 -4.73 -8.00
CA ASP A 166 27.46 -4.07 -9.27
C ASP A 166 26.19 -3.45 -9.86
N VAL A 167 25.04 -4.06 -9.63
CA VAL A 167 23.79 -3.55 -10.21
C VAL A 167 23.32 -2.30 -9.49
N LEU A 168 23.33 -2.33 -8.15
CA LEU A 168 22.64 -1.33 -7.35
C LEU A 168 23.56 -0.35 -6.65
N LYS A 169 24.88 -0.40 -6.92
CA LYS A 169 25.82 0.42 -6.17
C LYS A 169 25.51 1.90 -6.29
N ASP A 170 25.19 2.37 -7.50
CA ASP A 170 24.97 3.79 -7.76
C ASP A 170 23.50 4.20 -7.61
N ALA A 171 22.70 3.39 -6.92
CA ALA A 171 21.31 3.75 -6.70
C ALA A 171 21.24 4.98 -5.79
N PRO A 172 20.52 6.03 -6.18
CA PRO A 172 20.40 7.20 -5.31
C PRO A 172 19.70 6.85 -4.00
N ASP A 173 20.10 7.57 -2.95
CA ASP A 173 19.52 7.47 -1.61
C ASP A 173 19.85 6.14 -0.93
N GLY A 174 20.83 5.38 -1.44
CA GLY A 174 21.41 4.28 -0.71
C GLY A 174 20.75 2.93 -0.96
N LEU A 175 21.29 1.93 -0.26
CA LEU A 175 20.84 0.55 -0.33
C LEU A 175 20.63 0.03 1.09
N ILE A 176 20.08 -1.19 1.18
CA ILE A 176 19.85 -1.83 2.47
C ILE A 176 19.92 -3.33 2.30
N TYR A 177 20.53 -4.01 3.29
CA TYR A 177 20.56 -5.46 3.36
C TYR A 177 19.35 -5.95 4.14
N GLU A 178 18.78 -7.07 3.70
CA GLU A 178 17.70 -7.71 4.42
C GLU A 178 17.92 -9.22 4.45
N ALA A 179 17.86 -9.81 5.64
CA ALA A 179 17.95 -11.25 5.78
C ALA A 179 16.63 -11.90 5.41
N PHE A 180 16.72 -13.06 4.78
CA PHE A 180 15.51 -13.78 4.35
C PHE A 180 14.74 -14.27 5.58
N VAL A 181 13.44 -14.00 5.58
CA VAL A 181 12.59 -14.32 6.73
C VAL A 181 11.96 -15.68 6.53
N ASP A 182 12.10 -16.55 7.54
CA ASP A 182 11.40 -17.83 7.57
C ASP A 182 10.01 -17.59 8.13
N PHE A 183 9.02 -17.53 7.25
CA PHE A 183 7.64 -17.26 7.65
C PHE A 183 6.71 -18.28 7.00
N ASP A 184 5.57 -18.49 7.65
CA ASP A 184 4.56 -19.43 7.16
C ASP A 184 3.61 -18.79 6.16
N TYR A 185 3.17 -17.55 6.43
CA TYR A 185 2.28 -16.83 5.53
C TYR A 185 2.38 -15.34 5.86
N GLU A 186 1.58 -14.54 5.16
CA GLU A 186 1.62 -13.09 5.27
C GLU A 186 0.23 -12.54 5.53
N VAL A 187 0.15 -11.55 6.41
CA VAL A 187 -1.09 -10.85 6.72
C VAL A 187 -0.81 -9.35 6.73
N SER A 188 -1.88 -8.56 6.65
CA SER A 188 -1.78 -7.11 6.70
C SER A 188 -2.85 -6.55 7.62
N GLN A 189 -2.49 -5.48 8.33
CA GLN A 189 -3.41 -4.77 9.20
C GLN A 189 -3.65 -3.38 8.62
N ILE A 190 -4.90 -3.10 8.27
CA ILE A 190 -5.30 -1.80 7.73
C ILE A 190 -6.25 -1.16 8.73
N CYS A 191 -6.03 0.13 8.99
CA CYS A 191 -6.84 0.87 9.94
C CYS A 191 -6.90 2.32 9.49
N THR A 192 -7.79 3.08 10.13
CA THR A 192 -7.98 4.49 9.83
C THR A 192 -8.00 5.28 11.13
N ALA A 193 -7.26 6.38 11.17
CA ALA A 193 -7.20 7.26 12.33
C ALA A 193 -7.79 8.61 11.96
N ASP A 194 -8.71 9.11 12.78
CA ASP A 194 -9.35 10.38 12.52
C ASP A 194 -8.49 11.52 13.07
N LEU A 195 -9.03 12.74 13.03
CA LEU A 195 -8.26 13.90 13.46
C LEU A 195 -7.94 13.86 14.95
N LYS A 196 -8.76 13.17 15.74
CA LYS A 196 -8.58 13.11 17.18
C LYS A 196 -7.75 11.92 17.65
N GLY A 197 -7.26 11.10 16.73
CA GLY A 197 -6.47 9.94 17.09
C GLY A 197 -7.26 8.66 17.27
N ASN A 198 -8.58 8.71 17.15
CA ASN A 198 -9.39 7.50 17.21
C ASN A 198 -9.09 6.60 16.02
N ILE A 199 -8.95 5.32 16.27
CA ILE A 199 -8.58 4.35 15.24
C ILE A 199 -9.74 3.40 15.01
N ALA A 200 -10.13 3.26 13.74
CA ALA A 200 -11.11 2.25 13.33
C ALA A 200 -10.34 1.10 12.70
N PHE A 201 -10.49 -0.09 13.27
CA PHE A 201 -9.74 -1.26 12.86
C PHE A 201 -10.56 -2.13 11.92
N TYR A 202 -9.91 -2.61 10.86
CA TYR A 202 -10.43 -3.65 10.01
C TYR A 202 -9.83 -4.99 10.42
N PRO A 203 -10.52 -6.09 10.13
CA PRO A 203 -9.93 -7.40 10.43
C PRO A 203 -8.67 -7.64 9.59
N LEU A 204 -7.83 -8.53 10.08
CA LEU A 204 -6.62 -8.88 9.35
C LEU A 204 -6.99 -9.57 8.04
N ALA A 205 -6.14 -9.35 7.03
CA ALA A 205 -6.31 -9.95 5.72
C ALA A 205 -5.08 -10.78 5.38
N ARG A 206 -5.30 -12.05 5.04
CA ARG A 206 -4.23 -12.91 4.59
C ARG A 206 -3.96 -12.65 3.12
N ASN A 207 -2.72 -12.33 2.79
CA ASN A 207 -2.35 -11.91 1.44
C ASN A 207 -1.43 -12.96 0.80
N THR A 208 -1.64 -13.18 -0.50
CA THR A 208 -0.84 -14.11 -1.27
C THR A 208 -0.06 -13.33 -2.33
N HIS A 209 1.25 -13.52 -2.37
CA HIS A 209 2.11 -12.86 -3.34
C HIS A 209 2.57 -13.85 -4.40
N LYS A 210 2.78 -13.34 -5.61
CA LYS A 210 3.25 -14.13 -6.73
C LYS A 210 4.30 -13.32 -7.47
N GLN A 211 5.58 -13.68 -7.27
CA GLN A 211 6.70 -12.97 -7.88
C GLN A 211 6.75 -11.51 -7.45
N GLY A 212 6.67 -11.29 -6.14
CA GLY A 212 6.79 -9.98 -5.56
C GLY A 212 5.54 -9.13 -5.61
N ILE A 213 4.50 -9.54 -6.33
CA ILE A 213 3.29 -8.76 -6.46
C ILE A 213 2.16 -9.49 -5.72
N ILE A 214 1.25 -8.72 -5.15
CA ILE A 214 0.13 -9.30 -4.41
C ILE A 214 -0.96 -9.66 -5.40
N VAL A 215 -1.43 -10.92 -5.33
CA VAL A 215 -2.42 -11.42 -6.27
C VAL A 215 -3.73 -11.80 -5.61
N GLU A 216 -3.75 -12.08 -4.31
CA GLU A 216 -4.98 -12.49 -3.63
C GLU A 216 -4.95 -12.02 -2.19
N SER A 217 -6.09 -11.50 -1.74
CA SER A 217 -6.24 -11.03 -0.37
C SER A 217 -7.59 -11.49 0.16
N GLU A 218 -7.60 -12.11 1.34
CA GLU A 218 -8.80 -12.69 1.91
C GLU A 218 -8.96 -12.19 3.34
N ALA A 219 -10.17 -11.76 3.67
CA ALA A 219 -10.51 -11.23 4.99
C ALA A 219 -11.91 -11.68 5.36
N PRO A 220 -12.18 -11.90 6.66
CA PRO A 220 -11.25 -11.75 7.78
C PRO A 220 -10.37 -12.97 8.01
N PHE A 221 -9.12 -12.74 8.41
CA PHE A 221 -8.25 -13.82 8.86
C PHE A 221 -8.39 -13.94 10.36
N GLU A 222 -8.96 -15.05 10.82
CA GLU A 222 -9.34 -15.22 12.23
C GLU A 222 -8.12 -15.67 13.03
N ASN A 223 -7.60 -14.78 13.86
CA ASN A 223 -6.54 -15.12 14.81
C ASN A 223 -6.51 -14.03 15.87
N VAL A 224 -7.13 -14.30 17.02
CA VAL A 224 -7.25 -13.29 18.07
C VAL A 224 -5.89 -12.88 18.60
N VAL A 225 -4.93 -13.80 18.64
CA VAL A 225 -3.61 -13.47 19.17
C VAL A 225 -2.87 -12.54 18.21
N LEU A 226 -2.81 -12.91 16.93
CA LEU A 226 -2.10 -12.08 15.96
C LEU A 226 -2.81 -10.74 15.75
N ALA A 227 -4.15 -10.72 15.85
CA ALA A 227 -4.88 -9.48 15.61
C ALA A 227 -4.62 -8.45 16.70
N GLU A 228 -4.57 -8.91 17.96
CA GLU A 228 -4.33 -7.98 19.07
C GLU A 228 -2.94 -7.37 18.97
N LYS A 229 -1.94 -8.16 18.62
CA LYS A 229 -0.58 -7.63 18.49
C LYS A 229 -0.48 -6.68 17.31
N ALA A 230 -1.18 -6.97 16.21
CA ALA A 230 -1.17 -6.09 15.05
C ALA A 230 -1.81 -4.75 15.37
N GLN A 231 -2.90 -4.77 16.16
CA GLN A 231 -3.55 -3.51 16.53
C GLN A 231 -2.66 -2.68 17.45
N GLN A 232 -1.98 -3.32 18.39
CA GLN A 232 -1.08 -2.60 19.28
C GLN A 232 0.08 -1.98 18.51
N ILE A 233 0.56 -2.65 17.48
CA ILE A 233 1.60 -2.07 16.62
C ILE A 233 1.04 -0.87 15.87
N ALA A 234 -0.20 -0.98 15.39
CA ALA A 234 -0.80 0.14 14.65
C ALA A 234 -0.99 1.35 15.55
N LYS A 235 -1.38 1.12 16.82
CA LYS A 235 -1.56 2.23 17.75
C LYS A 235 -0.25 2.97 17.99
N ILE A 236 0.87 2.25 18.00
CA ILE A 236 2.17 2.90 18.19
C ILE A 236 2.50 3.80 17.01
N LEU A 237 2.28 3.30 15.79
CA LEU A 237 2.58 4.09 14.61
C LEU A 237 1.68 5.32 14.52
N VAL A 238 0.39 5.16 14.84
CA VAL A 238 -0.56 6.27 14.75
C VAL A 238 -0.16 7.38 15.71
N LYS A 239 0.31 7.00 16.91
CA LYS A 239 0.65 8.00 17.91
C LYS A 239 1.97 8.68 17.59
N GLU A 240 2.99 7.89 17.21
CA GLU A 240 4.29 8.47 16.90
C GLU A 240 4.26 9.31 15.64
N PHE A 241 3.41 8.96 14.67
CA PHE A 241 3.29 9.73 13.45
C PHE A 241 2.32 10.88 13.55
N ALA A 242 1.55 10.97 14.65
CA ALA A 242 0.38 11.84 14.71
C ALA A 242 -0.50 11.63 13.49
N TYR A 243 -0.77 10.36 13.22
CA TYR A 243 -1.27 9.92 11.92
C TYR A 243 -2.76 10.24 11.76
N VAL A 244 -3.14 10.65 10.56
CA VAL A 244 -4.53 10.89 10.19
C VAL A 244 -4.75 10.28 8.82
N GLY A 245 -5.69 9.35 8.72
CA GLY A 245 -6.01 8.68 7.48
C GLY A 245 -5.89 7.18 7.60
N THR A 246 -5.97 6.51 6.46
CA THR A 246 -5.85 5.06 6.40
C THR A 246 -4.38 4.65 6.43
N LEU A 247 -4.06 3.68 7.27
CA LEU A 247 -2.70 3.17 7.44
C LEU A 247 -2.69 1.67 7.17
N ALA A 248 -1.61 1.19 6.56
CA ALA A 248 -1.47 -0.23 6.22
C ALA A 248 -0.14 -0.74 6.75
N ILE A 249 -0.17 -1.91 7.39
CA ILE A 249 1.03 -2.58 7.88
C ILE A 249 1.00 -4.01 7.37
N GLU A 250 2.05 -4.42 6.67
CA GLU A 250 2.18 -5.78 6.17
C GLU A 250 3.11 -6.57 7.08
N PHE A 251 2.69 -7.79 7.44
CA PHE A 251 3.41 -8.62 8.39
C PHE A 251 3.86 -9.93 7.75
N PHE A 252 4.97 -10.45 8.26
CA PHE A 252 5.29 -11.86 8.12
C PHE A 252 4.78 -12.60 9.35
N VAL A 253 4.33 -13.83 9.16
CA VAL A 253 3.81 -14.65 10.24
C VAL A 253 4.64 -15.92 10.34
N LYS A 254 5.30 -16.11 11.47
CA LYS A 254 6.06 -17.34 11.78
C LYS A 254 5.58 -17.82 13.13
N GLY A 255 4.72 -18.84 13.13
CA GLY A 255 4.12 -19.27 14.38
C GLY A 255 3.09 -18.27 14.85
N ASP A 256 3.18 -17.90 16.13
CA ASP A 256 2.27 -16.94 16.74
C ASP A 256 2.89 -15.55 16.88
N GLU A 257 3.95 -15.27 16.13
CA GLU A 257 4.67 -14.01 16.25
C GLU A 257 4.65 -13.27 14.93
N LEU A 258 4.49 -11.95 15.02
CA LEU A 258 4.40 -11.08 13.85
C LEU A 258 5.74 -10.41 13.59
N ILE A 259 6.09 -10.30 12.30
CA ILE A 259 7.30 -9.64 11.85
C ILE A 259 6.90 -8.60 10.82
N VAL A 260 7.15 -7.32 11.12
CA VAL A 260 6.73 -6.24 10.24
C VAL A 260 7.57 -6.27 8.97
N ASN A 261 6.89 -6.36 7.82
CA ASN A 261 7.58 -6.28 6.54
C ASN A 261 7.79 -4.82 6.15
N GLU A 262 6.69 -4.09 5.90
CA GLU A 262 6.75 -2.68 5.58
C GLU A 262 5.40 -2.05 5.89
N ILE A 263 5.37 -0.73 5.90
CA ILE A 263 4.15 0.03 6.11
C ILE A 263 3.91 0.91 4.91
N ALA A 264 2.64 1.25 4.68
CA ALA A 264 2.24 2.14 3.59
C ALA A 264 1.32 3.20 4.19
N PRO A 265 1.70 4.47 4.15
CA PRO A 265 0.87 5.53 4.75
C PRO A 265 -0.25 5.97 3.82
N ARG A 266 -1.14 5.03 3.49
CA ARG A 266 -2.16 5.25 2.48
C ARG A 266 -3.11 4.06 2.47
N VAL A 267 -4.17 4.19 1.67
CA VAL A 267 -4.97 3.02 1.32
C VAL A 267 -4.08 2.05 0.56
N HIS A 268 -4.34 0.76 0.73
CA HIS A 268 -3.42 -0.28 0.28
C HIS A 268 -4.14 -1.33 -0.54
N ASN A 269 -3.37 -2.01 -1.39
CA ASN A 269 -3.93 -3.06 -2.24
C ASN A 269 -4.58 -4.16 -1.42
N SER A 270 -4.00 -4.47 -0.25
CA SER A 270 -4.55 -5.52 0.60
C SER A 270 -5.84 -5.11 1.31
N GLY A 271 -6.40 -3.93 1.01
CA GLY A 271 -7.64 -3.51 1.62
C GLY A 271 -8.74 -3.24 0.62
N HIS A 272 -8.49 -3.58 -0.66
CA HIS A 272 -9.51 -3.42 -1.68
C HIS A 272 -10.72 -4.31 -1.41
N TRP A 273 -10.56 -5.37 -0.61
CA TRP A 273 -11.69 -6.20 -0.23
C TRP A 273 -12.77 -5.39 0.49
N SER A 274 -12.38 -4.35 1.21
CA SER A 274 -13.30 -3.60 2.05
C SER A 274 -14.33 -2.80 1.25
N ILE A 275 -14.12 -2.64 -0.06
CA ILE A 275 -15.12 -1.96 -0.89
C ILE A 275 -16.44 -2.72 -0.85
N ASP A 276 -16.37 -4.05 -0.91
CA ASP A 276 -17.56 -4.89 -0.91
C ASP A 276 -17.65 -5.80 0.31
N GLY A 277 -16.72 -5.68 1.26
CA GLY A 277 -16.71 -6.56 2.41
C GLY A 277 -17.01 -5.87 3.73
N ALA A 278 -16.85 -4.55 3.78
CA ALA A 278 -17.04 -3.79 5.01
C ALA A 278 -18.16 -2.77 4.84
N VAL A 279 -18.76 -2.39 5.97
CA VAL A 279 -19.79 -1.35 5.96
C VAL A 279 -19.20 -0.03 5.48
N THR A 280 -17.96 0.25 5.85
CA THR A 280 -17.23 1.42 5.39
C THR A 280 -15.87 0.98 4.87
N SER A 281 -15.61 1.21 3.59
CA SER A 281 -14.37 0.75 2.99
C SER A 281 -13.20 1.61 3.48
N GLN A 282 -11.99 1.13 3.19
CA GLN A 282 -10.79 1.88 3.55
C GLN A 282 -10.73 3.21 2.82
N PHE A 283 -11.41 3.31 1.66
CA PHE A 283 -11.37 4.54 0.88
C PHE A 283 -12.28 5.61 1.47
N GLU A 284 -13.54 5.25 1.78
CA GLU A 284 -14.44 6.22 2.39
C GLU A 284 -13.92 6.66 3.75
N ASN A 285 -13.32 5.74 4.51
CA ASN A 285 -12.84 6.10 5.84
C ASN A 285 -11.59 6.97 5.78
N HIS A 286 -10.72 6.75 4.78
CA HIS A 286 -9.61 7.67 4.57
C HIS A 286 -10.13 9.06 4.24
N VAL A 287 -11.17 9.13 3.43
CA VAL A 287 -11.79 10.41 3.10
C VAL A 287 -12.43 11.03 4.34
N ARG A 288 -13.14 10.21 5.12
CA ARG A 288 -13.77 10.71 6.34
C ARG A 288 -12.71 11.21 7.33
N ALA A 289 -11.57 10.55 7.39
CA ALA A 289 -10.53 10.92 8.34
C ALA A 289 -9.95 12.29 8.01
N ILE A 290 -9.51 12.49 6.76
CA ILE A 290 -8.85 13.75 6.40
C ILE A 290 -9.83 14.91 6.32
N ALA A 291 -11.13 14.63 6.18
CA ALA A 291 -12.15 15.68 6.11
C ALA A 291 -12.64 16.09 7.49
N GLY A 292 -12.05 15.57 8.56
CA GLY A 292 -12.48 15.92 9.89
C GLY A 292 -13.77 15.27 10.34
N LEU A 293 -14.22 14.23 9.64
CA LEU A 293 -15.47 13.57 9.96
C LEU A 293 -15.24 12.36 10.88
N ILE A 294 -16.30 11.96 11.56
CA ILE A 294 -16.25 10.74 12.36
C ILE A 294 -16.22 9.53 11.42
N LEU A 295 -15.37 8.56 11.76
CA LEU A 295 -15.18 7.40 10.89
C LEU A 295 -16.44 6.53 10.88
N GLY A 296 -16.58 5.76 9.79
CA GLY A 296 -17.71 4.86 9.66
C GLY A 296 -17.46 3.49 10.25
N ASP A 297 -18.56 2.79 10.52
CA ASP A 297 -18.47 1.45 11.09
C ASP A 297 -17.80 0.50 10.11
N THR A 298 -16.96 -0.40 10.63
CA THR A 298 -16.12 -1.25 9.80
C THR A 298 -16.46 -2.74 9.98
N THR A 299 -17.72 -3.05 10.32
CA THR A 299 -18.14 -4.44 10.39
C THR A 299 -17.99 -5.10 9.02
N SER A 300 -17.40 -6.29 9.01
CA SER A 300 -16.97 -6.92 7.77
C SER A 300 -17.56 -8.32 7.64
N ARG A 301 -17.56 -8.82 6.41
CA ARG A 301 -17.99 -10.17 6.07
C ARG A 301 -16.92 -10.82 5.21
N LYS A 302 -16.94 -12.15 5.19
CA LYS A 302 -15.91 -12.91 4.47
C LYS A 302 -15.94 -12.58 2.98
N THR A 303 -14.80 -12.16 2.45
CA THR A 303 -14.68 -11.79 1.05
C THR A 303 -13.23 -11.95 0.62
N VAL A 304 -13.05 -12.29 -0.66
CA VAL A 304 -11.74 -12.50 -1.24
C VAL A 304 -11.53 -11.49 -2.36
N LEU A 306 -9.09 -10.57 -5.74
CA LEU A 306 -8.16 -11.11 -6.72
C LEU A 306 -7.69 -9.98 -7.62
N ASN A 307 -6.38 -9.83 -7.74
CA ASN A 307 -5.79 -8.74 -8.50
C ASN A 307 -5.70 -9.10 -9.98
N CYS A 308 -5.86 -8.09 -10.83
CA CYS A 308 -5.71 -8.23 -12.28
C CYS A 308 -4.43 -7.51 -12.68
N ILE A 309 -3.39 -8.28 -12.97
CA ILE A 309 -2.06 -7.76 -13.27
C ILE A 309 -1.75 -7.99 -14.74
N GLY A 310 -1.29 -6.96 -15.41
CA GLY A 310 -0.98 -7.06 -16.84
C GLY A 310 -2.17 -7.01 -17.76
N GLY A 311 -3.18 -7.85 -17.49
CA GLY A 311 -4.40 -7.86 -18.26
C GLY A 311 -5.60 -8.11 -17.37
N PRO A 313 -9.69 -9.97 -17.48
CA PRO A 313 -10.69 -10.75 -18.23
C PRO A 313 -11.76 -9.84 -18.82
N ALA A 314 -12.34 -10.30 -19.93
CA ALA A 314 -13.38 -9.54 -20.60
C ALA A 314 -14.54 -9.27 -19.65
N THR A 315 -15.06 -8.05 -19.69
CA THR A 315 -16.17 -7.68 -18.81
C THR A 315 -17.38 -8.57 -19.04
N LYS A 316 -17.60 -8.98 -20.29
CA LYS A 316 -18.69 -9.92 -20.59
C LYS A 316 -18.47 -11.25 -19.88
N ASP A 317 -17.22 -11.70 -19.79
CA ASP A 317 -16.94 -12.95 -19.09
C ASP A 317 -17.08 -12.80 -17.59
N LEU A 318 -16.65 -11.65 -17.05
CA LEU A 318 -16.77 -11.43 -15.61
C LEU A 318 -18.22 -11.25 -15.19
N ALA A 319 -19.02 -10.58 -16.02
CA ALA A 319 -20.42 -10.33 -15.67
C ALA A 319 -21.23 -11.61 -15.61
N ALA A 320 -20.79 -12.67 -16.30
CA ALA A 320 -21.51 -13.94 -16.25
C ALA A 320 -21.49 -14.56 -14.85
N LEU A 321 -20.49 -14.22 -14.03
CA LEU A 321 -20.44 -14.65 -12.64
C LEU A 321 -21.07 -13.53 -11.81
N ASP A 322 -22.39 -13.59 -11.68
CA ASP A 322 -23.17 -12.43 -11.24
C ASP A 322 -22.92 -12.03 -9.79
N ARG A 323 -22.19 -12.83 -9.01
CA ARG A 323 -21.87 -12.43 -7.65
C ARG A 323 -20.53 -11.72 -7.53
N VAL A 324 -19.69 -11.78 -8.57
CA VAL A 324 -18.40 -11.11 -8.54
C VAL A 324 -18.60 -9.61 -8.73
N LYS A 325 -17.95 -8.82 -7.87
CA LYS A 325 -17.98 -7.36 -7.97
C LYS A 325 -16.76 -6.91 -8.76
N ILE A 326 -17.00 -6.23 -9.87
CA ILE A 326 -15.94 -5.89 -10.82
C ILE A 326 -15.42 -4.48 -10.51
N HIS A 327 -14.10 -4.34 -10.49
CA HIS A 327 -13.45 -3.04 -10.23
C HIS A 327 -12.34 -2.84 -11.26
N SER A 328 -12.74 -2.57 -12.50
CA SER A 328 -11.78 -2.21 -13.53
C SER A 328 -11.29 -0.79 -13.28
N TYR A 329 -9.98 -0.58 -13.37
CA TYR A 329 -9.41 0.75 -13.19
C TYR A 329 -9.45 1.57 -14.46
N ASN A 330 -9.85 0.98 -15.60
CA ASN A 330 -9.81 1.64 -16.90
C ASN A 330 -8.40 2.11 -17.22
N LYS A 331 -7.42 1.27 -16.93
CA LYS A 331 -6.02 1.55 -17.19
C LYS A 331 -5.55 0.79 -18.43
N GLU A 332 -4.45 1.28 -19.01
CA GLU A 332 -3.91 0.64 -20.21
C GLU A 332 -3.20 -0.67 -19.83
N PRO A 333 -3.54 -1.78 -20.47
CA PRO A 333 -2.90 -3.05 -20.12
C PRO A 333 -1.42 -3.06 -20.48
N ARG A 334 -0.60 -3.49 -19.52
CA ARG A 334 0.84 -3.62 -19.72
C ARG A 334 1.35 -4.63 -18.70
N LYS A 335 2.31 -5.46 -19.13
CA LYS A 335 2.87 -6.50 -18.28
C LYS A 335 3.33 -5.94 -16.95
N GLY A 336 2.82 -6.51 -15.86
CA GLY A 336 3.18 -6.10 -14.53
C GLY A 336 2.35 -4.99 -13.92
N ARG A 337 1.47 -4.37 -14.71
CA ARG A 337 0.70 -3.23 -14.24
C ARG A 337 -0.62 -3.68 -13.62
N LYS A 338 -0.98 -3.06 -12.50
CA LYS A 338 -2.26 -3.33 -11.84
C LYS A 338 -3.37 -2.58 -12.58
N VAL A 339 -4.24 -3.33 -13.26
CA VAL A 339 -5.30 -2.72 -14.06
C VAL A 339 -6.68 -2.90 -13.45
N GLY A 340 -6.80 -3.63 -12.35
CA GLY A 340 -8.10 -3.82 -11.72
C GLY A 340 -8.03 -4.91 -10.68
N HIS A 341 -9.18 -5.14 -10.05
CA HIS A 341 -9.31 -6.23 -9.09
C HIS A 341 -10.77 -6.69 -9.07
N LEU A 342 -10.99 -7.82 -8.41
CA LEU A 342 -12.31 -8.43 -8.33
C LEU A 342 -12.57 -8.86 -6.90
N ASN A 343 -13.73 -8.49 -6.36
CA ASN A 343 -14.14 -8.88 -5.02
C ASN A 343 -15.32 -9.85 -5.09
N LEU A 344 -15.39 -10.73 -4.10
CA LEU A 344 -16.48 -11.71 -4.03
C LEU A 344 -16.69 -12.10 -2.58
N ASN A 345 -17.91 -11.89 -2.09
CA ASN A 345 -18.27 -12.40 -0.78
C ASN A 345 -18.39 -13.92 -0.84
N LEU A 346 -17.86 -14.59 0.18
CA LEU A 346 -17.84 -16.04 0.25
C LEU A 346 -18.77 -16.49 1.37
N ASN A 347 -19.91 -17.07 0.99
CA ASN A 347 -20.91 -17.51 1.96
C ASN A 347 -21.25 -18.97 1.76
N ASP A 348 -21.62 -19.35 0.54
CA ASP A 348 -22.03 -20.72 0.25
C ASP A 348 -21.17 -21.34 -0.84
N GLU A 349 -21.58 -22.52 -1.31
CA GLU A 349 -20.81 -23.22 -2.34
C GLU A 349 -20.96 -22.60 -3.72
N THR A 350 -22.04 -21.85 -3.96
CA THR A 350 -22.13 -21.10 -5.21
C THR A 350 -21.03 -20.04 -5.28
N ASP A 351 -20.69 -19.43 -4.15
CA ASP A 351 -19.58 -18.49 -4.12
C ASP A 351 -18.26 -19.19 -4.44
N GLU A 352 -18.05 -20.37 -3.86
CA GLU A 352 -16.84 -21.13 -4.17
C GLU A 352 -16.79 -21.54 -5.63
N TYR A 353 -17.96 -21.78 -6.23
CA TYR A 353 -18.01 -22.20 -7.63
C TYR A 353 -17.61 -21.05 -8.56
N GLN A 354 -18.21 -19.86 -8.36
CA GLN A 354 -17.83 -18.71 -9.16
C GLN A 354 -16.40 -18.27 -8.89
N LEU A 355 -15.88 -18.55 -7.68
CA LEU A 355 -14.50 -18.20 -7.37
C LEU A 355 -13.52 -19.01 -8.20
N LEU A 356 -13.83 -20.29 -8.45
CA LEU A 356 -12.95 -21.11 -9.27
C LEU A 356 -12.98 -20.66 -10.73
N GLN A 357 -14.14 -20.21 -11.21
CA GLN A 357 -14.26 -19.79 -12.61
C GLN A 357 -13.57 -18.46 -12.85
N VAL A 358 -13.60 -17.54 -11.88
CA VAL A 358 -12.97 -16.25 -12.08
C VAL A 358 -11.45 -16.37 -12.00
N LYS A 359 -10.94 -17.35 -11.23
CA LYS A 359 -9.50 -17.58 -11.18
C LYS A 359 -8.98 -18.14 -12.49
N LYS A 360 -9.78 -18.98 -13.17
CA LYS A 360 -9.38 -19.47 -14.49
C LYS A 360 -9.40 -18.36 -15.52
N LEU A 361 -10.33 -17.41 -15.41
CA LEU A 361 -10.32 -16.25 -16.29
C LEU A 361 -9.08 -15.41 -16.09
N ILE A 362 -8.69 -15.19 -14.82
CA ILE A 362 -7.50 -14.40 -14.53
C ILE A 362 -6.26 -15.06 -15.10
N ALA A 363 -6.15 -16.38 -14.96
CA ALA A 363 -4.98 -17.08 -15.44
C ALA A 363 -4.80 -16.93 -16.95
N LEU A 364 -5.90 -16.74 -17.68
CA LEU A 364 -5.82 -16.57 -19.13
C LEU A 364 -5.48 -15.13 -19.54
N SER A 365 -5.73 -14.16 -18.67
CA SER A 365 -5.46 -12.75 -18.98
C SER A 365 -4.28 -12.17 -18.22
N GLU A 366 -3.81 -12.84 -17.17
CA GLU A 366 -2.77 -12.29 -16.32
C GLU A 366 -1.41 -12.33 -17.02
N GLU A 367 -0.65 -11.24 -16.90
CA GLU A 367 0.70 -11.16 -17.44
C GLU A 367 1.58 -10.45 -16.41
N ILE A 368 2.38 -11.22 -15.68
CA ILE A 368 3.25 -10.66 -14.66
C ILE A 368 4.69 -10.64 -15.15
#